data_1W3A
#
_entry.id   1W3A
#
_cell.length_a   101.526
_cell.length_b   101.526
_cell.length_c   193.435
_cell.angle_alpha   90.00
_cell.angle_beta   90.00
_cell.angle_gamma   120.00
#
_symmetry.space_group_name_H-M   'P 63 2 2'
#
loop_
_entity.id
_entity.type
_entity.pdbx_description
1 polymer 'HEMOLYTIC LECTIN LSLA'
2 branched beta-D-galactopyranose-(1-4)-alpha-D-glucopyranose
3 non-polymer GLYCEROL
4 water water
#
_entity_poly.entity_id   1
_entity_poly.type   'polypeptide(L)'
_entity_poly.pdbx_seq_one_letter_code
;MTDIYIPPEGLYFRLLGFASRQVIFARNSPSPDVGLSPVNDQATDQYFSLIYGTGEHAGLYAIKSKATGKVLFSRRPAEP
YVGQIDGDGRYPDNWFKIEPGKTYLSKYFRLVQPSTGTALVSRTHLQPYFWNHPQTEVFDDQYFTFLFEDMSIDKIEYDL
KDGRILSSTPNVLATQTLENTSSQTQEMSFNLSQTLTQTSTFAYTAGFTIAVGTAFKAGVPIFAETEFKVDISVDNQWNW
GEENTFSKTYTATFSVRAGPGETVKAVSTVDSGIINVPFTAYLSSKSTGFEVTTEGIWRGVSSWDLRHTLTSVTA
;
_entity_poly.pdbx_strand_id   A
#
# COMPACT_ATOMS: atom_id res chain seq x y z
N ASP A 3 11.78 8.47 -8.33
CA ASP A 3 12.80 7.59 -7.70
C ASP A 3 12.17 6.27 -7.22
N ILE A 4 12.35 5.23 -8.04
CA ILE A 4 11.75 3.90 -7.83
C ILE A 4 12.32 3.15 -6.60
N TYR A 5 11.50 2.29 -5.99
CA TYR A 5 11.91 1.49 -4.83
C TYR A 5 12.58 0.19 -5.30
N ILE A 6 13.86 0.05 -4.96
CA ILE A 6 14.64 -1.16 -5.26
C ILE A 6 14.81 -1.96 -3.98
N PRO A 7 14.55 -3.25 -4.01
CA PRO A 7 14.58 -4.04 -2.77
C PRO A 7 15.99 -4.23 -2.23
N PRO A 8 16.16 -4.26 -0.91
CA PRO A 8 17.42 -4.69 -0.32
C PRO A 8 17.67 -6.20 -0.52
N GLU A 9 18.78 -6.70 0.00
CA GLU A 9 19.26 -8.04 -0.35
C GLU A 9 18.40 -9.20 0.18
N GLY A 10 17.78 -9.08 1.34
CA GLY A 10 17.00 -10.20 1.83
C GLY A 10 15.57 -10.38 1.32
N LEU A 11 15.17 -9.64 0.28
CA LEU A 11 13.76 -9.51 -0.09
C LEU A 11 13.49 -10.07 -1.48
N TYR A 12 12.47 -10.92 -1.58
CA TYR A 12 12.22 -11.68 -2.78
C TYR A 12 11.15 -11.06 -3.66
N PHE A 13 11.22 -11.37 -4.95
CA PHE A 13 10.32 -10.78 -5.93
C PHE A 13 10.26 -11.58 -7.23
N ARG A 14 9.24 -11.27 -8.01
CA ARG A 14 9.11 -11.78 -9.36
C ARG A 14 9.48 -10.63 -10.32
N LEU A 15 9.92 -10.98 -11.52
CA LEU A 15 10.14 -10.00 -12.58
C LEU A 15 9.07 -10.17 -13.68
N LEU A 16 8.03 -9.37 -13.58
CA LEU A 16 6.93 -9.36 -14.55
C LEU A 16 7.25 -8.45 -15.73
N GLY A 17 7.16 -8.99 -16.94
CA GLY A 17 7.40 -8.22 -18.14
C GLY A 17 6.20 -7.39 -18.54
N PHE A 18 6.45 -6.16 -18.98
CA PHE A 18 5.39 -5.29 -19.50
C PHE A 18 4.65 -5.97 -20.64
N ALA A 19 5.42 -6.40 -21.65
CA ALA A 19 4.89 -6.97 -22.89
C ALA A 19 4.38 -8.41 -22.74
N SER A 20 5.18 -9.29 -22.16
CA SER A 20 4.81 -10.69 -22.00
C SER A 20 3.71 -10.89 -20.98
N ARG A 21 3.59 -9.98 -20.03
CA ARG A 21 2.74 -10.15 -18.84
C ARG A 21 3.01 -11.48 -18.12
N GLN A 22 4.25 -11.95 -18.27
CA GLN A 22 4.74 -13.22 -17.73
C GLN A 22 6.05 -12.99 -16.98
N VAL A 23 6.41 -13.99 -16.19
CA VAL A 23 7.40 -13.85 -15.13
C VAL A 23 8.63 -14.72 -15.44
N ILE A 24 9.83 -14.29 -15.05
CA ILE A 24 11.03 -15.09 -15.30
C ILE A 24 11.07 -16.27 -14.33
N PHE A 25 11.45 -17.45 -14.84
CA PHE A 25 11.80 -18.57 -13.98
C PHE A 25 13.27 -19.02 -14.15
N ALA A 26 13.81 -19.59 -13.08
CA ALA A 26 15.10 -20.26 -13.13
C ALA A 26 15.08 -21.48 -12.20
N ARG A 27 15.17 -22.66 -12.83
CA ARG A 27 15.18 -23.95 -12.15
C ARG A 27 16.41 -24.76 -12.59
N ASN A 28 16.63 -25.91 -11.96
CA ASN A 28 17.70 -26.83 -12.36
C ASN A 28 17.17 -27.82 -13.42
N SER A 29 16.04 -28.45 -13.10
CA SER A 29 15.24 -29.23 -14.06
C SER A 29 13.77 -28.75 -13.97
N PRO A 30 12.94 -29.01 -14.97
CA PRO A 30 13.26 -29.69 -16.24
C PRO A 30 14.09 -28.92 -17.28
N SER A 31 14.04 -29.43 -18.53
CA SER A 31 15.09 -29.26 -19.55
C SER A 31 15.48 -27.84 -19.96
N PRO A 32 14.52 -26.98 -20.34
CA PRO A 32 14.83 -25.55 -20.52
C PRO A 32 14.89 -24.87 -19.15
N ASP A 33 16.09 -24.48 -18.71
CA ASP A 33 16.28 -24.11 -17.30
C ASP A 33 15.86 -22.67 -16.94
N VAL A 34 15.82 -21.78 -17.94
CA VAL A 34 15.22 -20.45 -17.77
C VAL A 34 14.20 -20.15 -18.87
N GLY A 35 13.17 -19.39 -18.50
CA GLY A 35 12.20 -18.93 -19.47
C GLY A 35 11.15 -18.03 -18.85
N LEU A 36 9.98 -18.00 -19.48
CA LEU A 36 8.85 -17.24 -18.96
C LEU A 36 7.71 -18.16 -18.55
N SER A 37 6.96 -17.77 -17.53
CA SER A 37 5.77 -18.50 -17.13
C SER A 37 4.70 -17.57 -16.54
N PRO A 38 3.43 -17.91 -16.72
CA PRO A 38 2.37 -17.32 -15.91
C PRO A 38 2.68 -17.42 -14.43
N VAL A 39 2.29 -16.38 -13.68
CA VAL A 39 2.55 -16.30 -12.26
C VAL A 39 1.91 -17.46 -11.49
N ASN A 40 2.72 -18.08 -10.64
CA ASN A 40 2.32 -19.04 -9.63
C ASN A 40 3.05 -18.62 -8.35
N ASP A 41 2.29 -18.09 -7.39
CA ASP A 41 2.84 -17.60 -6.12
C ASP A 41 3.67 -18.62 -5.32
N GLN A 42 3.32 -19.90 -5.45
CA GLN A 42 3.98 -20.97 -4.72
C GLN A 42 5.20 -21.58 -5.42
N ALA A 43 5.43 -21.23 -6.68
CA ALA A 43 6.59 -21.74 -7.43
C ALA A 43 7.86 -20.94 -7.14
N THR A 44 8.76 -21.53 -6.34
CA THR A 44 10.02 -20.91 -5.92
C THR A 44 10.89 -20.48 -7.11
N ASP A 45 10.90 -21.32 -8.12
CA ASP A 45 11.19 -20.98 -9.52
C ASP A 45 11.17 -19.51 -9.93
N GLN A 46 10.15 -18.78 -9.51
CA GLN A 46 9.87 -17.47 -10.05
C GLN A 46 10.38 -16.36 -9.15
N TYR A 47 10.98 -16.73 -8.02
CA TYR A 47 11.44 -15.76 -7.04
C TYR A 47 12.94 -15.50 -7.16
N PHE A 48 13.30 -14.23 -6.98
CA PHE A 48 14.66 -13.75 -7.11
C PHE A 48 14.90 -12.67 -6.07
N SER A 49 16.15 -12.53 -5.64
CA SER A 49 16.57 -11.36 -4.85
C SER A 49 17.75 -10.73 -5.57
N LEU A 50 18.15 -9.53 -5.14
CA LEU A 50 19.29 -8.86 -5.74
C LEU A 50 20.52 -8.96 -4.85
N ILE A 51 21.69 -8.92 -5.50
CA ILE A 51 22.97 -8.78 -4.83
C ILE A 51 23.50 -7.41 -5.25
N TYR A 52 23.72 -6.53 -4.28
CA TYR A 52 24.16 -5.17 -4.55
C TYR A 52 25.63 -5.16 -4.95
N GLY A 53 25.90 -4.83 -6.21
CA GLY A 53 27.26 -4.62 -6.66
C GLY A 53 28.03 -3.67 -5.76
N THR A 54 29.33 -3.96 -5.63
CA THR A 54 30.30 -3.09 -4.95
C THR A 54 31.50 -2.88 -5.85
N GLY A 55 32.42 -2.04 -5.38
CA GLY A 55 33.62 -1.79 -6.15
C GLY A 55 33.29 -1.07 -7.44
N GLU A 56 33.73 -1.65 -8.56
CA GLU A 56 33.45 -1.07 -9.88
C GLU A 56 32.02 -1.39 -10.30
N HIS A 57 31.45 -2.43 -9.69
CA HIS A 57 30.06 -2.79 -9.85
C HIS A 57 29.08 -2.04 -8.91
N ALA A 58 29.55 -1.06 -8.15
CA ALA A 58 28.66 -0.27 -7.30
C ALA A 58 27.59 0.44 -8.13
N GLY A 59 26.35 0.39 -7.68
CA GLY A 59 25.24 0.93 -8.44
C GLY A 59 24.64 -0.04 -9.46
N LEU A 60 25.14 -1.27 -9.49
CA LEU A 60 24.61 -2.34 -10.35
C LEU A 60 24.20 -3.51 -9.46
N TYR A 61 23.60 -4.53 -10.06
CA TYR A 61 22.92 -5.59 -9.32
C TYR A 61 23.00 -6.92 -10.05
N ALA A 62 23.20 -7.98 -9.30
CA ALA A 62 23.05 -9.34 -9.80
C ALA A 62 21.71 -9.87 -9.32
N ILE A 63 21.16 -10.80 -10.07
CA ILE A 63 19.80 -11.31 -9.85
C ILE A 63 19.89 -12.81 -9.57
N LYS A 64 19.81 -13.15 -8.29
CA LYS A 64 20.01 -14.51 -7.80
C LYS A 64 18.69 -15.30 -7.73
N SER A 65 18.65 -16.47 -8.36
CA SER A 65 17.49 -17.35 -8.28
C SER A 65 17.35 -17.94 -6.89
N LYS A 66 16.12 -17.93 -6.36
CA LYS A 66 15.86 -18.47 -5.03
C LYS A 66 15.80 -20.00 -5.08
N ALA A 67 15.22 -20.54 -6.14
CA ALA A 67 15.13 -21.98 -6.32
C ALA A 67 16.52 -22.60 -6.39
N THR A 68 17.40 -21.95 -7.14
CA THR A 68 18.63 -22.55 -7.65
C THR A 68 19.90 -22.00 -6.97
N GLY A 69 19.88 -20.74 -6.56
CA GLY A 69 21.05 -20.08 -5.99
C GLY A 69 21.99 -19.46 -7.02
N LYS A 70 21.70 -19.69 -8.30
CA LYS A 70 22.56 -19.21 -9.37
C LYS A 70 22.14 -17.79 -9.71
N VAL A 71 22.80 -17.19 -10.68
CA VAL A 71 22.68 -15.78 -10.92
C VAL A 71 22.48 -15.56 -12.43
N LEU A 72 21.69 -14.56 -12.79
CA LEU A 72 21.33 -14.37 -14.20
C LEU A 72 22.50 -13.76 -14.95
N PHE A 73 22.53 -14.03 -16.26
CA PHE A 73 23.55 -13.43 -17.13
C PHE A 73 22.94 -13.04 -18.46
N SER A 74 23.48 -11.97 -19.03
CA SER A 74 23.14 -11.55 -20.37
C SER A 74 24.44 -11.25 -21.11
N ARG A 75 24.58 -11.83 -22.31
CA ARG A 75 25.81 -11.71 -23.09
C ARG A 75 25.49 -11.86 -24.58
N ARG A 76 26.37 -11.35 -25.45
CA ARG A 76 26.03 -11.32 -26.88
C ARG A 76 26.61 -12.46 -27.70
N PRO A 77 27.94 -12.59 -27.79
CA PRO A 77 28.49 -13.51 -28.79
C PRO A 77 28.11 -14.96 -28.44
N ALA A 78 28.48 -15.43 -27.26
CA ALA A 78 28.30 -16.84 -26.91
C ALA A 78 26.84 -17.27 -26.68
N GLU A 79 26.44 -18.38 -27.28
CA GLU A 79 25.10 -18.94 -27.14
C GLU A 79 25.07 -19.88 -25.92
N PRO A 80 23.97 -19.90 -25.14
CA PRO A 80 22.83 -18.99 -25.28
C PRO A 80 23.09 -17.61 -24.66
N TYR A 81 22.44 -16.58 -25.19
CA TYR A 81 22.68 -15.19 -24.77
C TYR A 81 22.26 -14.90 -23.33
N VAL A 82 21.23 -15.60 -22.86
CA VAL A 82 20.83 -15.49 -21.46
C VAL A 82 20.78 -16.85 -20.79
N GLY A 83 20.88 -16.83 -19.47
CA GLY A 83 20.77 -18.02 -18.66
C GLY A 83 21.20 -17.80 -17.22
N GLN A 84 21.64 -18.90 -16.62
CA GLN A 84 21.90 -19.01 -15.20
C GLN A 84 23.37 -19.40 -14.97
N ILE A 85 23.93 -19.08 -13.82
CA ILE A 85 25.29 -19.54 -13.49
C ILE A 85 25.71 -19.37 -12.02
N ASP A 86 26.52 -20.31 -11.56
CA ASP A 86 27.18 -20.25 -10.24
C ASP A 86 28.03 -19.00 -10.04
N GLY A 87 28.45 -18.80 -8.80
CA GLY A 87 29.32 -17.70 -8.42
C GLY A 87 28.55 -16.41 -8.41
N ASP A 88 28.26 -15.91 -7.21
CA ASP A 88 27.46 -14.69 -7.00
C ASP A 88 27.97 -13.45 -7.73
N GLY A 89 27.82 -13.44 -9.05
CA GLY A 89 28.38 -12.36 -9.85
C GLY A 89 29.87 -12.40 -10.08
N ARG A 90 30.45 -13.61 -10.16
CA ARG A 90 31.87 -13.80 -10.50
C ARG A 90 32.18 -13.04 -11.80
N TYR A 91 31.32 -13.24 -12.80
CA TYR A 91 31.56 -12.77 -14.16
C TYR A 91 30.90 -11.41 -14.38
N PRO A 92 31.46 -10.61 -15.30
CA PRO A 92 30.92 -9.27 -15.61
C PRO A 92 29.54 -9.32 -16.31
N ASP A 93 29.27 -10.47 -16.90
CA ASP A 93 27.97 -10.84 -17.47
C ASP A 93 26.78 -10.84 -16.51
N ASN A 94 27.02 -10.80 -15.20
CA ASN A 94 25.98 -10.94 -14.20
C ASN A 94 25.52 -9.62 -13.58
N TRP A 95 26.06 -8.50 -14.04
CA TRP A 95 25.77 -7.22 -13.41
C TRP A 95 24.86 -6.35 -14.29
N PHE A 96 23.84 -5.77 -13.65
CA PHE A 96 22.76 -5.11 -14.35
C PHE A 96 22.48 -3.70 -13.81
N LYS A 97 22.29 -2.76 -14.73
CA LYS A 97 21.79 -1.42 -14.46
C LYS A 97 20.26 -1.43 -14.56
N ILE A 98 19.59 -0.88 -13.56
CA ILE A 98 18.14 -0.79 -13.50
C ILE A 98 17.78 0.59 -14.02
N GLU A 99 17.02 0.65 -15.11
CA GLU A 99 16.74 1.91 -15.82
C GLU A 99 15.24 2.18 -15.90
N PRO A 100 14.71 2.95 -14.94
CA PRO A 100 13.27 3.24 -14.89
C PRO A 100 12.72 3.88 -16.17
N GLY A 101 11.53 3.46 -16.58
CA GLY A 101 10.83 4.09 -17.69
C GLY A 101 10.10 5.36 -17.32
N LYS A 102 9.39 5.91 -18.30
CA LYS A 102 8.59 7.11 -18.13
C LYS A 102 7.17 6.83 -18.56
N THR A 103 6.26 7.72 -18.18
CA THR A 103 4.85 7.64 -18.58
C THR A 103 4.22 6.34 -18.07
N TYR A 104 3.81 5.46 -18.98
CA TYR A 104 3.07 4.25 -18.65
C TYR A 104 4.07 3.16 -18.20
N LEU A 105 5.35 3.43 -18.40
CA LEU A 105 6.44 2.56 -17.97
C LEU A 105 7.18 3.08 -16.73
N SER A 106 6.58 3.97 -15.96
CA SER A 106 7.29 4.58 -14.83
C SER A 106 7.38 3.69 -13.55
N LYS A 107 6.51 2.67 -13.45
CA LYS A 107 6.69 1.60 -12.48
C LYS A 107 7.49 0.42 -13.06
N TYR A 108 7.95 0.57 -14.30
CA TYR A 108 8.76 -0.45 -14.97
C TYR A 108 10.18 0.05 -15.20
N PHE A 109 11.07 -0.86 -15.59
CA PHE A 109 12.49 -0.56 -15.75
C PHE A 109 13.16 -1.54 -16.69
N ARG A 110 14.27 -1.12 -17.30
CA ARG A 110 15.06 -2.06 -18.10
C ARG A 110 16.08 -2.73 -17.22
N LEU A 111 16.55 -3.90 -17.64
CA LEU A 111 17.66 -4.57 -16.98
C LEU A 111 18.75 -4.70 -18.02
N VAL A 112 19.58 -3.67 -18.07
CA VAL A 112 20.68 -3.56 -19.00
C VAL A 112 21.98 -4.02 -18.37
N GLN A 113 22.68 -4.91 -19.06
CA GLN A 113 24.01 -5.37 -18.66
C GLN A 113 25.09 -4.61 -19.50
N PRO A 114 25.68 -3.55 -18.93
CA PRO A 114 26.47 -2.57 -19.68
C PRO A 114 27.72 -3.08 -20.41
N SER A 115 28.48 -3.98 -19.78
CA SER A 115 29.73 -4.44 -20.37
C SER A 115 29.52 -5.19 -21.70
N THR A 116 28.34 -5.78 -21.90
CA THR A 116 28.01 -6.40 -23.19
C THR A 116 27.08 -5.53 -24.05
N GLY A 117 26.52 -4.46 -23.48
CA GLY A 117 25.67 -3.55 -24.22
C GLY A 117 24.38 -4.24 -24.64
N THR A 118 23.76 -4.89 -23.66
CA THR A 118 22.73 -5.86 -23.91
C THR A 118 21.57 -5.64 -22.92
N ALA A 119 20.34 -5.83 -23.36
CA ALA A 119 19.15 -5.53 -22.55
C ALA A 119 18.28 -6.76 -22.47
N LEU A 120 17.73 -7.06 -21.30
CA LEU A 120 16.93 -8.27 -21.14
C LEU A 120 15.59 -8.07 -21.83
N VAL A 121 15.04 -9.16 -22.35
CA VAL A 121 13.85 -9.13 -23.19
C VAL A 121 12.80 -10.10 -22.64
N SER A 122 11.56 -9.63 -22.52
CA SER A 122 10.43 -10.47 -22.12
C SER A 122 9.25 -10.27 -23.05
N ARG A 123 8.96 -11.26 -23.89
CA ARG A 123 7.93 -11.18 -24.93
C ARG A 123 7.23 -12.52 -25.20
N THR A 124 6.01 -12.46 -25.77
CA THR A 124 5.27 -13.67 -26.20
C THR A 124 5.13 -13.79 -27.72
N HIS A 125 5.43 -12.72 -28.44
CA HIS A 125 5.30 -12.69 -29.90
C HIS A 125 6.44 -13.36 -30.67
N LEU A 126 7.57 -13.62 -30.03
CA LEU A 126 8.77 -14.11 -30.74
C LEU A 126 9.69 -14.94 -29.83
N GLN A 127 10.43 -15.86 -30.44
CA GLN A 127 11.25 -16.83 -29.71
C GLN A 127 12.74 -16.48 -29.85
N PRO A 128 13.55 -16.73 -28.81
CA PRO A 128 13.11 -17.18 -27.48
C PRO A 128 12.41 -16.07 -26.68
N TYR A 129 11.44 -16.46 -25.86
CA TYR A 129 10.61 -15.49 -25.14
C TYR A 129 11.41 -14.68 -24.13
N PHE A 130 12.28 -15.36 -23.41
CA PHE A 130 13.23 -14.70 -22.51
C PHE A 130 14.56 -14.69 -23.25
N TRP A 131 15.07 -13.51 -23.52
CA TRP A 131 16.26 -13.36 -24.36
C TRP A 131 16.97 -12.05 -24.02
N ASN A 132 17.79 -11.53 -24.93
CA ASN A 132 18.26 -10.15 -24.83
C ASN A 132 18.28 -9.45 -26.19
N HIS A 133 18.70 -8.19 -26.18
CA HIS A 133 18.73 -7.35 -27.36
C HIS A 133 19.82 -6.26 -27.21
N PRO A 134 20.43 -5.81 -28.31
CA PRO A 134 21.33 -4.66 -28.22
C PRO A 134 20.65 -3.51 -27.50
N GLN A 135 21.28 -3.07 -26.44
CA GLN A 135 20.73 -2.06 -25.54
C GLN A 135 20.36 -0.73 -26.23
N THR A 136 21.08 -0.33 -27.28
CA THR A 136 20.82 0.95 -27.97
C THR A 136 19.47 1.01 -28.70
N GLU A 137 18.93 -0.13 -29.09
CA GLU A 137 17.61 -0.21 -29.68
C GLU A 137 16.57 -0.60 -28.61
N VAL A 138 15.85 0.42 -28.11
CA VAL A 138 14.91 0.29 -26.98
C VAL A 138 13.49 -0.05 -27.46
N PHE A 139 13.02 -1.24 -27.08
CA PHE A 139 11.67 -1.69 -27.36
C PHE A 139 10.92 -1.86 -26.04
N ASP A 140 9.58 -1.85 -26.09
CA ASP A 140 8.73 -1.96 -24.89
C ASP A 140 8.88 -3.30 -24.16
N ASP A 141 9.27 -4.35 -24.88
CA ASP A 141 9.38 -5.68 -24.29
C ASP A 141 10.68 -5.91 -23.49
N GLN A 142 11.45 -4.85 -23.29
CA GLN A 142 12.61 -4.84 -22.41
C GLN A 142 12.27 -4.32 -21.01
N TYR A 143 11.01 -4.04 -20.73
CA TYR A 143 10.66 -3.44 -19.45
C TYR A 143 10.07 -4.48 -18.52
N PHE A 144 10.40 -4.33 -17.24
CA PHE A 144 10.09 -5.28 -16.18
C PHE A 144 9.59 -4.49 -14.97
N THR A 145 8.73 -5.09 -14.16
CA THR A 145 8.38 -4.49 -12.88
C THR A 145 8.55 -5.52 -11.77
N PHE A 146 8.69 -5.04 -10.53
CA PHE A 146 8.78 -5.91 -9.37
C PHE A 146 7.36 -6.27 -8.90
N LEU A 147 7.16 -7.57 -8.74
CA LEU A 147 6.00 -8.14 -8.11
C LEU A 147 6.51 -8.81 -6.82
N PHE A 148 6.54 -8.08 -5.72
CA PHE A 148 7.18 -8.56 -4.49
C PHE A 148 6.46 -9.75 -3.84
N GLU A 149 7.22 -10.48 -3.03
CA GLU A 149 6.70 -11.62 -2.30
C GLU A 149 5.65 -11.14 -1.32
N ASP A 150 4.77 -12.06 -0.91
CA ASP A 150 3.67 -11.71 -0.01
C ASP A 150 4.23 -11.24 1.32
N MET A 151 3.72 -10.11 1.77
CA MET A 151 4.23 -9.37 2.92
C MET A 151 3.06 -9.11 3.86
N SER A 152 3.28 -9.30 5.15
CA SER A 152 2.24 -9.13 6.15
C SER A 152 2.39 -7.75 6.78
N ILE A 153 1.26 -7.07 6.98
CA ILE A 153 1.25 -5.72 7.54
C ILE A 153 1.08 -5.86 9.05
N ASP A 154 2.19 -5.77 9.77
CA ASP A 154 2.22 -6.04 11.20
C ASP A 154 1.71 -4.90 12.06
N LYS A 155 1.87 -3.66 11.58
CA LYS A 155 1.59 -2.49 12.42
C LYS A 155 1.45 -1.19 11.63
N ILE A 156 0.49 -0.37 12.02
CA ILE A 156 0.37 0.99 11.54
C ILE A 156 0.58 1.91 12.72
N GLU A 157 1.52 2.84 12.58
CA GLU A 157 1.81 3.82 13.61
C GLU A 157 1.62 5.22 13.02
N TYR A 158 0.62 5.95 13.51
CA TYR A 158 0.33 7.28 12.99
C TYR A 158 1.18 8.34 13.65
N ASP A 159 1.46 9.40 12.90
CA ASP A 159 2.10 10.60 13.41
C ASP A 159 1.00 11.60 13.73
N LEU A 160 0.42 11.44 14.92
CA LEU A 160 -0.76 12.20 15.33
C LEU A 160 -0.51 13.70 15.52
N LYS A 161 0.69 14.09 15.97
CA LYS A 161 0.98 15.51 16.14
C LYS A 161 0.83 16.31 14.84
N ASP A 162 1.05 15.65 13.70
CA ASP A 162 0.98 16.31 12.39
C ASP A 162 -0.35 16.14 11.67
N GLY A 163 -1.39 15.78 12.41
CA GLY A 163 -2.72 15.72 11.87
C GLY A 163 -3.22 17.07 11.38
N ARG A 164 -4.21 17.03 10.50
CA ARG A 164 -4.67 18.23 9.82
C ARG A 164 -6.16 18.13 9.44
N ILE A 165 -6.91 19.18 9.69
CA ILE A 165 -8.28 19.29 9.21
C ILE A 165 -8.24 20.11 7.93
N LEU A 166 -8.69 19.51 6.85
CA LEU A 166 -8.71 20.17 5.55
C LEU A 166 -10.06 20.82 5.25
N SER A 167 -11.09 20.35 5.94
CA SER A 167 -12.42 20.97 5.88
C SER A 167 -13.19 20.71 7.18
N SER A 168 -14.22 21.53 7.42
CA SER A 168 -15.07 21.42 8.60
C SER A 168 -16.38 22.18 8.39
N THR A 169 -17.50 21.47 8.50
CA THR A 169 -18.83 22.07 8.50
C THR A 169 -19.66 21.37 9.56
N PRO A 170 -20.52 22.09 10.28
CA PRO A 170 -21.43 21.43 11.22
C PRO A 170 -22.51 20.63 10.49
N ASN A 171 -22.74 19.40 10.94
CA ASN A 171 -23.84 18.57 10.48
C ASN A 171 -24.72 18.28 11.68
N VAL A 172 -25.97 18.70 11.61
CA VAL A 172 -26.91 18.43 12.68
C VAL A 172 -27.47 17.02 12.49
N LEU A 173 -27.17 16.16 13.47
CA LEU A 173 -27.55 14.76 13.42
C LEU A 173 -29.05 14.57 13.66
N ALA A 174 -29.53 15.15 14.76
CA ALA A 174 -30.94 15.12 15.11
C ALA A 174 -31.35 16.41 15.83
N THR A 175 -32.06 17.28 15.11
CA THR A 175 -32.69 18.44 15.73
C THR A 175 -33.88 17.93 16.51
N GLN A 176 -34.97 17.63 15.81
CA GLN A 176 -36.28 17.28 16.39
C GLN A 176 -36.15 17.03 17.90
N THR A 177 -36.02 15.75 18.27
CA THR A 177 -35.85 15.36 19.66
C THR A 177 -36.20 16.53 20.64
N LEU A 178 -37.47 16.93 20.59
CA LEU A 178 -38.03 17.97 21.46
C LEU A 178 -39.36 17.45 22.03
N GLU A 179 -39.45 17.40 23.36
CA GLU A 179 -40.63 16.85 24.04
C GLU A 179 -41.14 17.73 25.18
N ASN A 180 -42.43 17.60 25.53
CA ASN A 180 -43.11 18.53 26.46
C ASN A 180 -44.24 17.95 27.33
N THR A 181 -44.36 18.51 28.55
CA THR A 181 -45.62 18.56 29.32
C THR A 181 -45.55 19.80 30.21
N SER A 182 -45.70 20.97 29.57
CA SER A 182 -45.45 22.29 30.17
C SER A 182 -44.63 22.33 31.48
N SER A 183 -45.29 22.25 32.64
CA SER A 183 -44.67 22.60 33.92
C SER A 183 -44.14 21.39 34.72
N GLN A 184 -44.33 21.40 36.04
CA GLN A 184 -43.53 20.63 37.02
C GLN A 184 -42.91 19.32 36.55
N THR A 185 -43.73 18.27 36.36
CA THR A 185 -43.26 16.92 35.98
C THR A 185 -41.93 16.59 36.70
N GLN A 186 -40.97 16.02 35.98
CA GLN A 186 -39.59 15.86 36.46
C GLN A 186 -38.64 15.38 35.34
N GLU A 187 -39.02 14.33 34.62
CA GLU A 187 -38.12 13.68 33.67
C GLU A 187 -38.56 13.83 32.21
N MET A 188 -37.61 14.23 31.37
CA MET A 188 -37.70 14.08 29.93
C MET A 188 -36.38 13.47 29.48
N SER A 189 -36.40 12.19 29.09
CA SER A 189 -35.19 11.50 28.63
C SER A 189 -35.10 11.54 27.10
N PHE A 190 -33.88 11.63 26.60
CA PHE A 190 -33.60 11.81 25.16
C PHE A 190 -32.64 10.74 24.67
N ASN A 191 -32.88 10.24 23.46
CA ASN A 191 -32.03 9.22 22.86
C ASN A 191 -31.46 9.66 21.52
N LEU A 192 -30.20 9.31 21.30
CA LEU A 192 -29.50 9.65 20.08
C LEU A 192 -28.90 8.38 19.46
N SER A 193 -29.36 8.08 18.24
CA SER A 193 -28.73 7.04 17.42
C SER A 193 -28.75 7.51 15.96
N GLN A 194 -27.61 8.01 15.49
CA GLN A 194 -27.46 8.48 14.11
C GLN A 194 -26.15 8.01 13.50
N THR A 195 -26.24 7.57 12.26
CA THR A 195 -25.14 6.89 11.58
C THR A 195 -24.65 7.69 10.37
N LEU A 196 -23.34 7.96 10.36
CA LEU A 196 -22.69 8.68 9.26
C LEU A 196 -21.74 7.74 8.51
N THR A 197 -21.81 7.75 7.19
CA THR A 197 -20.85 7.01 6.38
C THR A 197 -19.53 7.77 6.28
N GLN A 198 -18.52 7.26 6.97
CA GLN A 198 -17.16 7.80 6.93
C GLN A 198 -16.33 7.14 5.84
N THR A 199 -15.11 7.63 5.68
CA THR A 199 -14.25 7.25 4.57
C THR A 199 -12.79 7.05 5.05
N SER A 200 -12.03 6.25 4.32
CA SER A 200 -10.68 5.85 4.72
C SER A 200 -9.82 5.45 3.51
N THR A 201 -8.62 6.03 3.40
CA THR A 201 -7.68 5.76 2.30
C THR A 201 -6.24 5.78 2.83
N PHE A 202 -5.50 4.70 2.62
CA PHE A 202 -4.10 4.63 3.05
C PHE A 202 -3.21 4.81 1.82
N ALA A 203 -2.67 6.00 1.64
CA ALA A 203 -1.98 6.34 0.40
C ALA A 203 -0.48 6.23 0.58
N TYR A 204 0.18 5.54 -0.35
CA TYR A 204 1.63 5.46 -0.40
C TYR A 204 2.25 6.83 -0.57
N THR A 205 3.41 6.99 0.06
CA THR A 205 4.16 8.23 0.07
C THR A 205 5.63 7.92 -0.19
N ALA A 206 6.18 6.99 0.59
CA ALA A 206 7.56 6.52 0.40
C ALA A 206 7.75 5.08 0.89
N GLY A 207 8.94 4.53 0.65
CA GLY A 207 9.34 3.26 1.19
C GLY A 207 8.86 2.08 0.39
N PHE A 208 8.66 0.95 1.05
CA PHE A 208 8.22 -0.27 0.39
C PHE A 208 6.87 -0.11 -0.32
N THR A 209 6.82 -0.58 -1.55
CA THR A 209 5.63 -0.51 -2.39
C THR A 209 4.63 -1.62 -2.10
N ILE A 210 3.80 -1.42 -1.09
CA ILE A 210 2.72 -2.36 -0.79
C ILE A 210 1.83 -2.48 -2.02
N ALA A 211 1.49 -3.73 -2.36
CA ALA A 211 0.62 -3.98 -3.50
C ALA A 211 -0.76 -3.34 -3.26
N VAL A 212 -1.23 -2.62 -4.27
CA VAL A 212 -2.52 -1.99 -4.22
C VAL A 212 -3.57 -3.08 -4.03
N GLY A 213 -4.52 -2.86 -3.14
CA GLY A 213 -5.56 -3.84 -2.87
C GLY A 213 -5.33 -4.71 -1.66
N THR A 214 -4.13 -4.65 -1.08
CA THR A 214 -3.74 -5.51 0.03
C THR A 214 -4.69 -5.34 1.21
N ALA A 215 -5.31 -6.43 1.63
CA ALA A 215 -6.24 -6.43 2.77
C ALA A 215 -5.54 -6.44 4.14
N PHE A 216 -6.02 -5.61 5.06
CA PHE A 216 -5.48 -5.55 6.42
C PHE A 216 -6.44 -4.83 7.36
N LYS A 217 -6.10 -4.83 8.65
CA LYS A 217 -6.95 -4.18 9.64
C LYS A 217 -6.13 -3.20 10.44
N ALA A 218 -6.75 -2.10 10.85
CA ALA A 218 -6.12 -1.16 11.76
C ALA A 218 -7.10 -0.16 12.32
N GLY A 219 -6.68 0.49 13.41
CA GLY A 219 -7.35 1.67 13.90
C GLY A 219 -7.17 2.80 12.90
N VAL A 220 -8.10 3.75 12.97
CA VAL A 220 -8.16 4.84 12.00
C VAL A 220 -8.25 6.14 12.78
N PRO A 221 -7.63 7.22 12.30
CA PRO A 221 -7.57 8.47 13.07
C PRO A 221 -8.91 9.17 13.29
N ILE A 222 -8.87 10.10 14.23
CA ILE A 222 -10.04 10.74 14.83
C ILE A 222 -9.56 12.06 15.45
N PHE A 223 -10.33 13.14 15.29
CA PHE A 223 -10.07 14.39 16.03
C PHE A 223 -10.91 14.37 17.30
N ALA A 224 -10.28 14.64 18.45
CA ALA A 224 -10.92 14.55 19.76
C ALA A 224 -11.57 15.89 20.13
N GLU A 225 -10.75 16.84 20.58
CA GLU A 225 -11.18 18.25 20.70
C GLU A 225 -10.01 19.19 20.39
N THR A 226 -8.80 18.76 20.74
CA THR A 226 -7.58 19.55 20.63
C THR A 226 -6.41 18.70 20.12
N GLU A 227 -6.71 17.59 19.44
CA GLU A 227 -5.73 16.51 19.26
C GLU A 227 -6.26 15.41 18.36
N PHE A 228 -5.36 14.70 17.67
CA PHE A 228 -5.74 13.48 16.95
C PHE A 228 -5.47 12.24 17.78
N LYS A 229 -6.35 11.25 17.64
CA LYS A 229 -6.25 9.99 18.33
C LYS A 229 -6.71 8.85 17.42
N VAL A 230 -6.38 7.62 17.81
CA VAL A 230 -6.76 6.44 17.03
C VAL A 230 -8.03 5.79 17.60
N ASP A 231 -9.03 5.60 16.73
CA ASP A 231 -10.25 4.87 17.07
C ASP A 231 -10.03 3.38 16.82
N ILE A 232 -9.74 2.65 17.88
CA ILE A 232 -9.47 1.22 17.84
C ILE A 232 -10.72 0.37 17.62
N SER A 233 -11.90 0.95 17.88
CA SER A 233 -13.17 0.26 17.69
C SER A 233 -13.38 -0.22 16.25
N VAL A 234 -13.04 0.65 15.29
CA VAL A 234 -13.38 0.42 13.87
C VAL A 234 -12.63 -0.78 13.31
N ASP A 235 -13.33 -1.90 13.18
CA ASP A 235 -12.73 -3.12 12.63
C ASP A 235 -13.31 -3.43 11.25
N ASN A 236 -12.94 -2.63 10.27
CA ASN A 236 -13.24 -2.95 8.87
C ASN A 236 -11.95 -3.47 8.22
N GLN A 237 -12.11 -4.24 7.15
CA GLN A 237 -10.98 -4.63 6.34
C GLN A 237 -10.68 -3.53 5.36
N TRP A 238 -9.47 -3.00 5.43
CA TRP A 238 -9.04 -1.97 4.50
C TRP A 238 -8.39 -2.58 3.26
N ASN A 239 -8.24 -1.77 2.23
CA ASN A 239 -7.51 -2.15 1.04
C ASN A 239 -6.48 -1.06 0.78
N TRP A 240 -5.21 -1.44 0.79
CA TRP A 240 -4.12 -0.49 0.62
C TRP A 240 -4.32 0.32 -0.66
N GLY A 241 -4.25 1.64 -0.53
CA GLY A 241 -4.26 2.53 -1.67
C GLY A 241 -5.61 2.74 -2.37
N GLU A 242 -6.69 2.28 -1.75
CA GLU A 242 -8.05 2.46 -2.28
C GLU A 242 -8.95 3.08 -1.24
N GLU A 243 -9.94 3.81 -1.71
CA GLU A 243 -10.97 4.35 -0.81
C GLU A 243 -11.92 3.22 -0.32
N ASN A 244 -12.08 3.16 1.01
CA ASN A 244 -13.05 2.28 1.66
C ASN A 244 -14.05 3.16 2.41
N THR A 245 -15.23 2.60 2.69
CA THR A 245 -16.22 3.28 3.51
C THR A 245 -16.45 2.48 4.77
N PHE A 246 -16.76 3.18 5.87
CA PHE A 246 -17.22 2.55 7.11
C PHE A 246 -18.26 3.42 7.82
N SER A 247 -18.91 2.83 8.82
CA SER A 247 -20.01 3.46 9.54
C SER A 247 -19.56 3.88 10.92
N LYS A 248 -20.03 5.05 11.34
CA LYS A 248 -19.77 5.56 12.69
C LYS A 248 -21.12 5.92 13.27
N THR A 249 -21.52 5.25 14.34
CA THR A 249 -22.80 5.51 14.99
C THR A 249 -22.56 6.31 16.26
N TYR A 250 -23.33 7.38 16.42
CA TYR A 250 -23.22 8.26 17.58
C TYR A 250 -24.38 7.99 18.53
N THR A 251 -24.03 7.76 19.80
CA THR A 251 -24.97 7.23 20.77
C THR A 251 -24.89 8.06 22.04
N ALA A 252 -26.04 8.53 22.51
CA ALA A 252 -26.11 9.27 23.77
C ALA A 252 -27.50 9.22 24.41
N THR A 253 -27.52 9.28 25.74
CA THR A 253 -28.76 9.43 26.50
C THR A 253 -28.59 10.53 27.55
N PHE A 254 -29.54 11.46 27.59
CA PHE A 254 -29.52 12.56 28.56
C PHE A 254 -30.93 13.02 28.91
N SER A 255 -31.15 13.41 30.16
CA SER A 255 -32.45 13.92 30.62
C SER A 255 -32.38 15.38 31.08
N VAL A 256 -33.52 15.97 31.45
CA VAL A 256 -33.58 17.41 31.76
C VAL A 256 -34.59 17.80 32.86
N ARG A 257 -35.78 18.23 32.44
CA ARG A 257 -36.70 19.09 33.19
C ARG A 257 -36.45 19.38 34.69
N ALA A 258 -36.27 20.67 35.00
CA ALA A 258 -36.35 21.22 36.37
C ALA A 258 -36.37 22.77 36.40
N GLY A 259 -37.53 23.36 36.04
CA GLY A 259 -37.68 24.81 36.02
C GLY A 259 -39.10 25.28 36.35
N PRO A 260 -39.42 26.54 36.06
CA PRO A 260 -40.79 27.08 36.30
C PRO A 260 -41.88 26.52 35.36
N GLY A 261 -41.71 26.66 34.04
CA GLY A 261 -42.68 26.19 33.07
C GLY A 261 -42.20 26.23 31.62
N GLU A 262 -41.41 25.21 31.24
CA GLU A 262 -40.71 25.17 29.94
C GLU A 262 -40.81 23.81 29.19
N THR A 263 -40.78 23.90 27.85
CA THR A 263 -40.72 22.77 26.91
C THR A 263 -39.29 22.58 26.38
N VAL A 264 -38.67 21.42 26.67
CA VAL A 264 -37.27 21.21 26.33
C VAL A 264 -37.04 20.83 24.85
N LYS A 265 -35.97 21.38 24.29
CA LYS A 265 -35.48 21.01 22.95
C LYS A 265 -34.02 20.49 23.10
N ALA A 266 -33.66 19.53 22.23
CA ALA A 266 -32.32 18.93 22.25
C ALA A 266 -31.78 18.82 20.82
N VAL A 267 -30.68 19.52 20.55
CA VAL A 267 -30.04 19.54 19.24
C VAL A 267 -28.69 18.84 19.33
N SER A 268 -28.58 17.71 18.65
CA SER A 268 -27.37 16.89 18.67
C SER A 268 -26.58 17.13 17.37
N THR A 269 -25.35 17.58 17.51
CA THR A 269 -24.60 18.10 16.38
C THR A 269 -23.11 17.69 16.41
N VAL A 270 -22.56 17.65 15.20
CA VAL A 270 -21.20 17.17 14.98
C VAL A 270 -20.52 18.05 13.92
N ASP A 271 -19.20 18.17 14.02
CA ASP A 271 -18.40 18.71 12.92
C ASP A 271 -17.95 17.57 12.03
N SER A 272 -18.32 17.63 10.75
CA SER A 272 -17.80 16.69 9.77
C SER A 272 -16.87 17.39 8.76
N GLY A 273 -16.08 16.61 8.06
CA GLY A 273 -15.10 17.19 7.16
C GLY A 273 -13.95 16.25 6.86
N ILE A 274 -13.10 16.64 5.93
CA ILE A 274 -11.96 15.82 5.51
C ILE A 274 -10.81 16.01 6.49
N ILE A 275 -10.05 14.95 6.70
CA ILE A 275 -8.97 14.96 7.65
C ILE A 275 -7.85 14.08 7.13
N ASN A 276 -6.59 14.39 7.47
CA ASN A 276 -5.47 13.53 7.08
C ASN A 276 -4.29 13.51 8.05
N VAL A 277 -3.59 12.38 8.07
CA VAL A 277 -2.59 12.07 9.10
C VAL A 277 -1.47 11.21 8.49
N PRO A 278 -0.20 11.63 8.61
CA PRO A 278 0.89 10.77 8.16
C PRO A 278 0.97 9.49 8.99
N PHE A 279 1.67 8.49 8.46
CA PHE A 279 1.82 7.20 9.13
C PHE A 279 2.96 6.41 8.54
N THR A 280 3.41 5.42 9.30
CA THR A 280 4.42 4.48 8.88
C THR A 280 3.87 3.09 9.14
N ALA A 281 3.91 2.23 8.13
CA ALA A 281 3.50 0.85 8.26
C ALA A 281 4.75 -0.03 8.37
N TYR A 282 4.63 -1.14 9.10
CA TYR A 282 5.72 -2.07 9.33
C TYR A 282 5.32 -3.42 8.76
N LEU A 283 6.12 -3.94 7.84
CA LEU A 283 5.83 -5.22 7.22
C LEU A 283 6.96 -6.23 7.40
N SER A 284 6.65 -7.46 7.04
CA SER A 284 7.61 -8.54 7.12
C SER A 284 7.28 -9.65 6.14
N SER A 285 8.31 -10.33 5.63
CA SER A 285 8.11 -11.43 4.69
C SER A 285 7.43 -12.60 5.41
N LYS A 286 6.45 -13.19 4.74
CA LYS A 286 5.73 -14.34 5.29
C LYS A 286 6.57 -15.62 5.26
N SER A 287 7.49 -15.71 4.29
CA SER A 287 8.44 -16.82 4.22
C SER A 287 9.59 -16.72 5.22
N THR A 288 10.07 -15.50 5.46
CA THR A 288 11.42 -15.24 6.01
C THR A 288 11.44 -14.42 7.30
N GLY A 289 10.51 -13.48 7.45
CA GLY A 289 10.51 -12.54 8.56
C GLY A 289 11.19 -11.21 8.24
N PHE A 290 11.70 -11.04 7.01
CA PHE A 290 12.48 -9.86 6.64
C PHE A 290 11.64 -8.58 6.67
N GLU A 291 12.14 -7.56 7.36
CA GLU A 291 11.39 -6.36 7.65
C GLU A 291 11.63 -5.20 6.68
N VAL A 292 10.55 -4.47 6.38
CA VAL A 292 10.60 -3.18 5.73
C VAL A 292 9.59 -2.23 6.35
N THR A 293 9.63 -0.96 5.94
CA THR A 293 8.58 -0.02 6.28
C THR A 293 8.06 0.70 5.04
N THR A 294 6.89 1.32 5.19
CA THR A 294 6.28 2.16 4.17
C THR A 294 5.79 3.41 4.84
N GLU A 295 6.07 4.58 4.28
CA GLU A 295 5.50 5.82 4.77
C GLU A 295 4.24 6.13 3.95
N GLY A 296 3.25 6.73 4.58
CA GLY A 296 1.99 7.05 3.91
C GLY A 296 1.24 8.17 4.57
N ILE A 297 0.30 8.73 3.83
CA ILE A 297 -0.66 9.69 4.39
C ILE A 297 -2.04 9.02 4.37
N TRP A 298 -2.70 9.03 5.52
CA TRP A 298 -4.06 8.52 5.63
C TRP A 298 -5.04 9.69 5.47
N ARG A 299 -6.15 9.44 4.78
CA ARG A 299 -7.11 10.48 4.43
C ARG A 299 -8.54 9.96 4.61
N GLY A 300 -9.43 10.81 5.12
CA GLY A 300 -10.80 10.41 5.39
C GLY A 300 -11.79 11.51 5.72
N VAL A 301 -12.99 11.37 5.19
CA VAL A 301 -14.16 12.08 5.66
C VAL A 301 -14.51 11.50 7.03
N SER A 302 -14.60 12.37 8.02
CA SER A 302 -14.76 11.99 9.42
C SER A 302 -15.71 12.95 10.14
N SER A 303 -15.93 12.68 11.43
CA SER A 303 -16.77 13.50 12.28
C SER A 303 -16.09 13.66 13.63
N TRP A 304 -16.39 14.75 14.32
CA TRP A 304 -15.76 15.05 15.61
C TRP A 304 -16.57 16.07 16.42
N ASP A 305 -16.19 16.21 17.69
CA ASP A 305 -16.86 17.13 18.63
C ASP A 305 -18.38 16.95 18.70
N LEU A 306 -18.82 15.81 19.22
CA LEU A 306 -20.23 15.59 19.49
C LEU A 306 -20.72 16.57 20.57
N ARG A 307 -21.90 17.14 20.33
CA ARG A 307 -22.44 18.27 21.09
C ARG A 307 -23.94 18.10 21.27
N HIS A 308 -24.43 18.30 22.49
CA HIS A 308 -25.86 18.33 22.78
C HIS A 308 -26.22 19.66 23.47
N THR A 309 -27.18 20.38 22.88
CA THR A 309 -27.54 21.71 23.36
C THR A 309 -29.02 21.72 23.79
N LEU A 310 -29.27 22.11 25.03
CA LEU A 310 -30.59 22.07 25.64
C LEU A 310 -31.15 23.47 25.91
N THR A 311 -32.40 23.71 25.53
CA THR A 311 -33.01 25.03 25.66
C THR A 311 -34.40 24.97 26.35
N SER A 312 -35.32 25.89 26.01
CA SER A 312 -36.64 26.01 26.65
C SER A 312 -37.60 26.90 25.83
N VAL A 313 -38.90 26.66 25.95
CA VAL A 313 -39.95 27.49 25.28
C VAL A 313 -41.21 27.63 26.15
N THR A 314 -42.07 28.61 25.85
CA THR A 314 -43.40 28.72 26.49
C THR A 314 -44.49 29.20 25.50
N ALA A 315 -45.68 28.89 25.64
#